data_4Q27
#
_entry.id   4Q27
#
_cell.length_a   43.468
_cell.length_b   58.130
_cell.length_c   110.800
_cell.angle_alpha   90.00
_cell.angle_beta   90.00
_cell.angle_gamma   90.00
#
_symmetry.space_group_name_H-M   'P 21 21 21'
#
loop_
_entity.id
_entity.type
_entity.pdbx_description
1 polymer Galectin-1
2 branched '3-O-prop-2-yn-1-yl-beta-D-galactopyranose-(1-4)-prop-2-en-1-yl 2-(acetylamino)-2-deoxy-beta-D-glucopyranoside'
3 non-polymer 'SULFATE ION'
4 water water
#
_entity_poly.entity_id   1
_entity_poly.type   'polypeptide(L)'
_entity_poly.pdbx_seq_one_letter_code
;GMACGLVASNLNLKPGE(CME)LRVRGEVAPDAKSFVLNLGKDSNNLCLHFNPRFNAHGDANTIVCNSKDGGAWGTEQRE
AVFPFQPGSVAEV(CME)ITFDQANLTVKLPDGYEFKFPNRLNLEAINYMAADGDFKIK(CME)VAFD
;
_entity_poly.pdbx_strand_id   A,B
#
loop_
_chem_comp.id
_chem_comp.type
_chem_comp.name
_chem_comp.formula
SO4 non-polymer 'SULFATE ION' 'O4 S -2'
TVS D-saccharide 'prop-2-en-1-yl 2-(acetylamino)-2-deoxy-beta-D-glucopyranoside' 'C11 H19 N O6'
TVV D-saccharide, beta linking 3-O-prop-2-yn-1-yl-beta-D-galactopyranose 'C9 H14 O6'
#
# COMPACT_ATOMS: atom_id res chain seq x y z
N ALA A 3 -3.08 -13.00 11.57
CA ALA A 3 -4.05 -12.17 10.75
C ALA A 3 -3.44 -11.79 9.42
N CYS A 4 -4.27 -11.71 8.40
CA CYS A 4 -3.81 -11.29 7.08
C CYS A 4 -4.04 -9.79 6.93
N GLY A 5 -3.00 -9.04 6.57
CA GLY A 5 -3.03 -7.62 6.46
C GLY A 5 -2.85 -7.19 5.00
N LEU A 6 -2.39 -5.99 4.85
N LEU A 6 -2.44 -5.96 4.86
CA LEU A 6 -2.26 -5.34 3.55
CA LEU A 6 -2.29 -5.35 3.56
C LEU A 6 -1.36 -6.10 2.59
C LEU A 6 -1.47 -6.25 2.63
N VAL A 7 -1.83 -6.26 1.35
CA VAL A 7 -1.08 -6.87 0.29
C VAL A 7 -0.90 -5.89 -0.82
N ALA A 8 0.25 -5.60 -1.30
CA ALA A 8 0.43 -4.72 -2.40
C ALA A 8 1.18 -5.39 -3.49
N SER A 9 0.85 -5.13 -4.74
CA SER A 9 1.52 -5.71 -5.85
C SER A 9 1.75 -4.63 -6.91
N ASN A 10 2.50 -4.99 -7.92
CA ASN A 10 3.03 -4.02 -8.85
C ASN A 10 3.87 -2.92 -8.23
N LEU A 11 4.60 -3.23 -7.18
CA LEU A 11 5.37 -2.19 -6.47
C LEU A 11 6.52 -1.65 -7.31
N ASN A 12 7.06 -2.49 -8.17
CA ASN A 12 8.16 -2.05 -9.01
C ASN A 12 9.33 -1.38 -8.25
N LEU A 13 9.68 -1.93 -7.09
CA LEU A 13 10.75 -1.38 -6.28
C LEU A 13 12.05 -1.83 -6.90
N LYS A 14 12.85 -0.87 -7.34
CA LYS A 14 14.09 -1.24 -8.01
C LYS A 14 15.28 -1.21 -7.05
N PRO A 15 16.42 -1.82 -7.42
CA PRO A 15 17.57 -1.79 -6.54
C PRO A 15 17.92 -0.40 -6.14
N GLY A 16 18.27 -0.22 -4.87
CA GLY A 16 18.62 1.08 -4.35
C GLY A 16 17.47 1.95 -3.86
N GLU A 17 16.25 1.63 -4.28
CA GLU A 17 15.07 2.42 -3.87
C GLU A 17 14.65 1.95 -2.48
N CME A 18 14.04 2.85 -1.69
CA CME A 18 13.73 2.56 -0.37
CB CME A 18 14.13 3.64 0.58
SG CME A 18 13.98 3.31 2.33
SD CME A 18 15.50 2.11 2.75
CE CME A 18 16.83 3.22 3.12
CZ CME A 18 16.81 4.04 4.36
OH CME A 18 17.98 4.67 4.75
C CME A 18 12.22 2.34 -0.21
O CME A 18 11.40 3.19 -0.64
H CME A 18 13.77 3.69 -1.92
HA CME A 18 14.19 1.74 -0.12
HB2 CME A 18 15.05 3.87 0.40
HB3 CME A 18 13.58 4.42 0.38
HE2 CME A 18 16.85 3.86 2.38
HE3 CME A 18 17.65 2.71 3.10
HZ2 CME A 18 16.53 3.45 5.09
HZ3 CME A 18 16.13 4.72 4.26
HH CME A 18 17.83 5.16 5.47
N LEU A 19 11.83 1.23 0.42
CA LEU A 19 10.48 0.98 0.88
C LEU A 19 10.37 1.23 2.37
N ARG A 20 9.47 2.12 2.77
CA ARG A 20 9.28 2.46 4.17
C ARG A 20 7.90 2.07 4.60
N VAL A 21 7.82 1.38 5.72
CA VAL A 21 6.56 0.93 6.25
C VAL A 21 6.44 1.30 7.71
N ARG A 22 5.38 2.01 8.08
CA ARG A 22 5.13 2.40 9.46
C ARG A 22 3.83 1.76 9.93
N GLY A 23 3.87 1.17 11.09
CA GLY A 23 2.70 0.51 11.64
C GLY A 23 2.64 0.52 13.15
N GLU A 24 1.50 0.13 13.64
CA GLU A 24 1.30 0.05 15.09
C GLU A 24 1.45 -1.39 15.51
N VAL A 25 2.34 -1.63 16.48
CA VAL A 25 2.51 -2.96 17.04
C VAL A 25 1.47 -3.13 18.15
N ALA A 26 0.65 -4.19 18.10
CA ALA A 26 -0.43 -4.37 19.07
C ALA A 26 0.10 -4.48 20.51
N PRO A 27 -0.64 -3.98 21.50
CA PRO A 27 -0.19 -4.13 22.90
C PRO A 27 0.06 -5.58 23.31
N ASP A 28 -0.69 -6.51 22.76
CA ASP A 28 -0.50 -7.92 23.06
C ASP A 28 0.14 -8.69 21.90
N ALA A 29 0.90 -7.96 21.09
CA ALA A 29 1.52 -8.60 19.92
C ALA A 29 2.34 -9.85 20.27
N LYS A 30 2.21 -10.86 19.43
CA LYS A 30 2.97 -12.10 19.52
C LYS A 30 4.02 -12.15 18.42
N SER A 31 3.65 -11.66 17.22
N SER A 31 3.71 -11.60 17.25
CA SER A 31 4.42 -11.85 15.97
CA SER A 31 4.63 -11.55 16.12
C SER A 31 3.87 -10.92 14.88
C SER A 31 3.96 -10.81 15.00
N PHE A 32 4.75 -10.40 14.01
CA PHE A 32 4.22 -9.86 12.77
C PHE A 32 5.18 -10.20 11.69
N VAL A 33 4.72 -10.06 10.45
CA VAL A 33 5.45 -10.41 9.28
C VAL A 33 5.37 -9.36 8.21
N LEU A 34 6.47 -9.07 7.57
N LEU A 34 6.46 -8.97 7.56
CA LEU A 34 6.45 -8.40 6.30
CA LEU A 34 6.51 -8.30 6.29
C LEU A 34 7.12 -9.37 5.33
C LEU A 34 7.20 -9.21 5.23
N ASN A 35 6.44 -9.64 4.22
CA ASN A 35 6.92 -10.44 3.15
C ASN A 35 7.17 -9.61 1.93
N LEU A 36 8.30 -9.72 1.31
CA LEU A 36 8.63 -9.01 0.10
C LEU A 36 9.13 -9.96 -0.95
N GLY A 37 8.72 -9.75 -2.20
CA GLY A 37 9.30 -10.50 -3.32
C GLY A 37 8.49 -10.31 -4.55
N LYS A 38 8.23 -11.41 -5.23
CA LYS A 38 7.49 -11.41 -6.47
C LYS A 38 6.03 -11.74 -6.28
N ASP A 39 5.75 -12.72 -5.45
CA ASP A 39 4.43 -13.18 -5.14
C ASP A 39 4.51 -14.04 -3.89
N SER A 40 3.39 -14.62 -3.47
CA SER A 40 3.33 -15.32 -2.20
C SER A 40 4.22 -16.55 -2.15
N ASN A 41 4.59 -17.10 -3.31
CA ASN A 41 5.48 -18.29 -3.35
C ASN A 41 6.95 -17.92 -3.55
N ASN A 42 7.29 -16.64 -3.72
CA ASN A 42 8.60 -16.19 -4.12
C ASN A 42 8.95 -14.94 -3.36
N LEU A 43 9.56 -15.13 -2.20
CA LEU A 43 9.85 -14.06 -1.24
C LEU A 43 11.37 -13.92 -1.15
N CYS A 44 11.89 -12.75 -1.49
CA CYS A 44 13.28 -12.46 -1.20
C CYS A 44 13.49 -12.11 0.24
N LEU A 45 12.43 -11.69 0.93
CA LEU A 45 12.51 -11.49 2.38
C LEU A 45 11.21 -11.77 3.04
N HIS A 46 11.23 -12.69 4.01
CA HIS A 46 10.24 -12.94 5.02
C HIS A 46 10.87 -12.39 6.30
N PHE A 47 10.31 -11.27 6.78
CA PHE A 47 10.81 -10.53 7.93
C PHE A 47 9.84 -10.76 9.05
N ASN A 48 10.23 -11.47 10.13
CA ASN A 48 9.28 -11.93 11.13
C ASN A 48 9.80 -11.68 12.55
N PRO A 49 9.54 -10.49 13.09
CA PRO A 49 9.79 -10.25 14.52
C PRO A 49 8.85 -11.10 15.33
N ARG A 50 9.43 -11.88 16.26
CA ARG A 50 8.67 -12.67 17.17
C ARG A 50 8.81 -12.18 18.58
N PHE A 51 7.73 -11.61 19.12
CA PHE A 51 7.70 -11.13 20.50
C PHE A 51 7.59 -12.37 21.37
N ASN A 52 6.62 -13.18 21.08
CA ASN A 52 6.41 -14.46 21.72
C ASN A 52 5.68 -15.40 20.79
N ALA A 53 6.44 -16.12 19.97
CA ALA A 53 5.83 -16.98 18.96
C ALA A 53 6.79 -18.10 18.62
N HIS A 54 6.23 -19.29 18.40
CA HIS A 54 7.05 -20.46 18.03
C HIS A 54 8.16 -20.79 19.04
N GLY A 55 7.95 -20.46 20.30
CA GLY A 55 8.95 -20.73 21.31
C GLY A 55 10.03 -19.66 21.43
N ASP A 56 9.91 -18.61 20.60
CA ASP A 56 10.89 -17.56 20.55
C ASP A 56 10.38 -16.31 21.24
N ALA A 57 11.28 -15.65 21.96
CA ALA A 57 10.97 -14.36 22.52
C ALA A 57 11.92 -13.28 22.01
N ASN A 58 11.35 -12.14 21.67
CA ASN A 58 12.07 -10.99 21.20
C ASN A 58 13.19 -11.38 20.26
N THR A 59 12.85 -12.05 19.14
CA THR A 59 13.84 -12.45 18.16
C THR A 59 13.30 -12.13 16.76
N ILE A 60 14.13 -11.52 15.92
CA ILE A 60 13.84 -11.34 14.50
C ILE A 60 14.28 -12.54 13.73
N VAL A 61 13.31 -13.18 13.09
CA VAL A 61 13.55 -14.32 12.21
C VAL A 61 13.41 -13.84 10.78
N CYS A 62 14.35 -14.18 9.92
CA CYS A 62 14.28 -13.90 8.52
C CYS A 62 14.42 -15.17 7.71
N ASN A 63 13.79 -15.21 6.54
CA ASN A 63 14.00 -16.30 5.61
C ASN A 63 13.62 -15.84 4.20
N SER A 64 13.85 -16.72 3.25
CA SER A 64 13.39 -16.58 1.86
C SER A 64 12.46 -17.69 1.53
N LYS A 65 11.74 -17.51 0.40
CA LYS A 65 10.90 -18.59 -0.11
C LYS A 65 11.06 -18.56 -1.62
N ASP A 66 11.47 -19.70 -2.20
CA ASP A 66 11.77 -19.77 -3.64
C ASP A 66 10.92 -20.82 -4.24
N GLY A 67 9.99 -20.48 -5.12
CA GLY A 67 9.12 -21.48 -5.73
C GLY A 67 8.41 -22.33 -4.70
N GLY A 68 7.94 -21.72 -3.59
CA GLY A 68 7.21 -22.39 -2.56
C GLY A 68 8.04 -22.98 -1.43
N ALA A 69 9.33 -23.07 -1.63
CA ALA A 69 10.25 -23.73 -0.68
C ALA A 69 10.91 -22.71 0.24
N TRP A 70 10.68 -22.86 1.54
CA TRP A 70 11.39 -22.03 2.50
C TRP A 70 12.88 -22.26 2.41
N GLY A 71 13.66 -21.21 2.53
CA GLY A 71 15.10 -21.31 2.56
C GLY A 71 15.59 -21.60 3.97
N THR A 72 16.88 -21.33 4.14
CA THR A 72 17.53 -21.50 5.44
C THR A 72 17.29 -20.25 6.31
N GLU A 73 16.60 -20.46 7.41
CA GLU A 73 16.27 -19.36 8.34
C GLU A 73 17.52 -18.70 8.94
N GLN A 74 17.49 -17.43 9.24
CA GLN A 74 18.52 -16.73 9.96
C GLN A 74 17.90 -15.88 11.03
N ARG A 75 18.57 -15.65 12.13
CA ARG A 75 18.13 -14.81 13.21
C ARG A 75 19.07 -13.67 13.41
N GLU A 76 18.47 -12.55 13.85
CA GLU A 76 19.26 -11.38 14.14
C GLU A 76 19.48 -11.21 15.65
N ALA A 77 20.28 -10.25 16.00
CA ALA A 77 20.67 -10.20 17.47
C ALA A 77 20.18 -9.00 18.20
N VAL A 78 19.29 -8.23 17.62
N VAL A 78 19.38 -8.15 17.54
CA VAL A 78 18.71 -7.19 18.38
CA VAL A 78 18.75 -7.00 18.19
C VAL A 78 17.23 -7.24 18.10
C VAL A 78 17.25 -7.03 17.96
N PHE A 79 16.47 -6.58 18.93
CA PHE A 79 15.02 -6.58 18.83
C PHE A 79 14.48 -5.18 19.23
N PRO A 80 14.49 -4.24 18.29
CA PRO A 80 14.15 -2.85 18.59
C PRO A 80 12.65 -2.64 18.38
N PHE A 81 11.78 -3.46 18.96
CA PHE A 81 10.34 -3.33 18.89
C PHE A 81 9.78 -3.50 20.26
N GLN A 82 8.69 -2.78 20.51
N GLN A 82 8.66 -2.83 20.51
CA GLN A 82 7.92 -2.88 21.74
CA GLN A 82 7.94 -2.88 21.78
C GLN A 82 6.44 -3.08 21.39
C GLN A 82 6.44 -2.98 21.49
N PRO A 83 5.76 -3.94 22.13
CA PRO A 83 4.30 -3.97 21.97
C PRO A 83 3.70 -2.62 22.35
N GLY A 84 2.65 -2.24 21.65
CA GLY A 84 1.96 -1.02 21.97
C GLY A 84 2.68 0.23 21.59
N SER A 85 3.35 0.20 20.46
CA SER A 85 4.11 1.36 19.98
C SER A 85 4.10 1.40 18.46
N VAL A 86 4.47 2.54 17.92
CA VAL A 86 4.59 2.64 16.47
C VAL A 86 6.02 2.30 16.08
N ALA A 87 6.17 1.59 14.98
CA ALA A 87 7.51 1.25 14.49
C ALA A 87 7.52 1.44 12.98
N GLU A 88 8.67 1.90 12.49
N GLU A 88 8.69 1.85 12.51
CA GLU A 88 8.96 2.01 11.08
CA GLU A 88 8.94 2.00 11.10
C GLU A 88 10.06 1.03 10.70
C GLU A 88 10.08 1.09 10.68
N VAL A 89 9.90 0.45 9.52
N VAL A 89 9.94 0.42 9.56
CA VAL A 89 10.87 -0.45 8.88
CA VAL A 89 11.00 -0.41 8.97
C VAL A 89 11.22 0.17 7.53
C VAL A 89 11.23 0.05 7.54
N CME A 90 12.49 0.17 7.13
CA CME A 90 12.95 0.69 5.84
CB CME A 90 13.71 1.95 6.03
SG CME A 90 12.81 3.24 6.83
SD CME A 90 14.23 4.08 8.05
CE CME A 90 14.13 3.17 9.58
CZ CME A 90 13.22 3.70 10.60
OH CME A 90 13.07 2.85 11.66
C CME A 90 13.79 -0.38 5.17
O CME A 90 14.73 -0.91 5.81
H CME A 90 12.19 0.53 6.35
HA CME A 90 12.18 0.87 5.28
HB2 CME A 90 14.49 1.74 6.58
HB3 CME A 90 14.01 2.27 5.17
HE2 CME A 90 15.02 3.12 9.95
HE3 CME A 90 13.83 2.27 9.36
HZ2 CME A 90 13.57 4.54 10.93
HZ3 CME A 90 12.34 3.87 10.19
HH CME A 90 12.56 3.22 12.28
N ILE A 91 13.44 -0.76 3.94
CA ILE A 91 14.10 -1.82 3.25
C ILE A 91 14.54 -1.39 1.87
N THR A 92 15.76 -1.81 1.53
N THR A 92 15.79 -1.70 1.54
CA THR A 92 16.35 -1.57 0.23
CA THR A 92 16.29 -1.60 0.17
C THR A 92 17.14 -2.84 -0.17
C THR A 92 16.91 -2.95 -0.22
N PHE A 93 17.36 -3.03 -1.46
CA PHE A 93 18.06 -4.23 -1.92
C PHE A 93 18.99 -3.93 -3.06
N ASP A 94 19.97 -4.82 -3.23
CA ASP A 94 20.73 -4.93 -4.44
C ASP A 94 20.88 -6.43 -4.74
N GLN A 95 21.68 -6.78 -5.75
CA GLN A 95 21.79 -8.18 -6.12
C GLN A 95 22.28 -9.09 -5.00
N ALA A 96 23.11 -8.57 -4.11
CA ALA A 96 23.76 -9.39 -3.10
C ALA A 96 22.89 -9.51 -1.87
N ASN A 97 22.25 -8.40 -1.42
CA ASN A 97 21.63 -8.34 -0.13
C ASN A 97 20.43 -7.44 -0.08
N LEU A 98 19.53 -7.78 0.84
CA LEU A 98 18.58 -6.78 1.31
C LEU A 98 19.15 -6.13 2.51
N THR A 99 18.90 -4.82 2.65
CA THR A 99 19.30 -4.09 3.88
C THR A 99 18.03 -3.63 4.58
N VAL A 100 17.93 -4.02 5.84
CA VAL A 100 16.74 -3.75 6.67
C VAL A 100 17.21 -2.77 7.78
N LYS A 101 16.58 -1.58 7.76
N LYS A 101 16.57 -1.59 7.79
CA LYS A 101 16.79 -0.54 8.74
CA LYS A 101 16.83 -0.31 8.79
CA LYS A 101 16.81 -0.58 8.81
C LYS A 101 15.61 -0.46 9.65
C LYS A 101 15.61 -0.46 9.74
N LEU A 102 15.91 -0.45 10.94
N LEU A 102 15.83 -0.83 11.11
CA LEU A 102 14.95 -0.58 11.96
CA LEU A 102 14.95 -0.98 12.21
C LEU A 102 14.96 0.57 12.96
C LEU A 102 14.92 0.38 12.94
N PRO A 103 14.03 0.54 13.91
CA PRO A 103 14.12 1.63 14.95
C PRO A 103 15.43 1.53 15.74
N ASP A 104 15.72 2.59 16.51
CA ASP A 104 16.84 2.54 17.45
C ASP A 104 18.23 2.39 16.76
N GLY A 105 18.31 2.86 15.53
CA GLY A 105 19.54 2.88 14.77
C GLY A 105 19.97 1.53 14.17
N TYR A 106 19.20 0.46 14.34
CA TYR A 106 19.73 -0.83 13.99
C TYR A 106 19.47 -1.17 12.55
N GLU A 107 20.45 -1.78 11.92
CA GLU A 107 20.39 -2.17 10.51
C GLU A 107 21.06 -3.51 10.35
N PHE A 108 20.57 -4.33 9.43
CA PHE A 108 21.23 -5.59 9.11
C PHE A 108 20.99 -5.94 7.68
N LYS A 109 21.78 -6.89 7.19
CA LYS A 109 21.64 -7.38 5.83
C LYS A 109 21.16 -8.85 5.87
N PHE A 110 20.42 -9.19 4.85
CA PHE A 110 19.98 -10.56 4.63
C PHE A 110 20.29 -10.89 3.19
N PRO A 111 20.91 -12.08 2.94
CA PRO A 111 21.30 -12.37 1.58
C PRO A 111 20.13 -12.42 0.64
N ASN A 112 20.29 -11.92 -0.57
CA ASN A 112 19.27 -11.96 -1.58
C ASN A 112 19.43 -13.22 -2.39
N ARG A 113 18.54 -14.19 -2.10
CA ARG A 113 18.67 -15.54 -2.64
C ARG A 113 17.86 -15.75 -3.88
N LEU A 114 17.08 -14.78 -4.30
CA LEU A 114 16.28 -14.89 -5.51
C LEU A 114 16.92 -14.04 -6.57
N ASN A 115 16.35 -14.13 -7.76
CA ASN A 115 16.89 -13.39 -8.87
C ASN A 115 15.99 -12.31 -9.43
N LEU A 116 15.36 -11.52 -8.55
CA LEU A 116 14.35 -10.57 -8.98
C LEU A 116 14.96 -9.30 -9.48
N GLU A 117 14.44 -8.82 -10.61
CA GLU A 117 14.82 -7.51 -11.12
C GLU A 117 14.26 -6.35 -10.31
N ALA A 118 13.08 -6.55 -9.73
CA ALA A 118 12.42 -5.59 -8.89
C ALA A 118 11.65 -6.37 -7.86
N ILE A 119 11.36 -5.73 -6.74
CA ILE A 119 10.42 -6.26 -5.76
C ILE A 119 9.04 -5.75 -6.10
N ASN A 120 8.15 -6.65 -6.48
CA ASN A 120 6.80 -6.27 -6.90
C ASN A 120 5.71 -6.55 -5.93
N TYR A 121 5.99 -7.26 -4.84
CA TYR A 121 4.99 -7.77 -3.92
C TYR A 121 5.37 -7.53 -2.48
N MET A 122 4.44 -7.06 -1.68
CA MET A 122 4.59 -6.98 -0.26
C MET A 122 3.35 -7.47 0.43
N ALA A 123 3.45 -8.20 1.48
CA ALA A 123 2.30 -8.58 2.30
C ALA A 123 2.65 -8.41 3.75
N ALA A 124 1.72 -7.86 4.50
CA ALA A 124 1.89 -7.69 5.93
C ALA A 124 0.97 -8.65 6.62
N ASP A 125 1.38 -9.27 7.69
CA ASP A 125 0.52 -10.11 8.48
C ASP A 125 0.83 -9.96 9.93
N GLY A 126 -0.09 -10.39 10.74
CA GLY A 126 0.12 -10.46 12.17
C GLY A 126 -0.15 -9.16 12.86
N ASP A 127 0.52 -8.99 14.01
CA ASP A 127 0.11 -8.02 14.99
C ASP A 127 0.69 -6.63 14.79
N PHE A 128 0.57 -6.11 13.56
CA PHE A 128 1.16 -4.84 13.16
C PHE A 128 0.13 -4.19 12.20
N LYS A 129 -0.44 -3.07 12.63
N LYS A 129 -0.37 -3.04 12.60
CA LYS A 129 -1.44 -2.37 11.80
CA LYS A 129 -1.41 -2.36 11.81
C LYS A 129 -0.72 -1.34 10.95
C LYS A 129 -0.71 -1.31 10.95
N ILE A 130 -0.73 -1.49 9.63
CA ILE A 130 0.02 -0.59 8.72
C ILE A 130 -0.66 0.77 8.72
N LYS A 131 0.10 1.82 8.94
CA LYS A 131 -0.38 3.20 8.94
C LYS A 131 0.08 3.98 7.72
N CME A 132 1.22 3.68 7.13
CA CME A 132 1.79 4.31 6.00
CB CME A 132 2.57 5.59 6.54
SG CME A 132 3.45 6.51 5.30
SD CME A 132 5.20 5.41 5.37
CE CME A 132 6.47 5.37 6.51
CZ CME A 132 7.31 6.57 6.62
OH CME A 132 6.58 7.71 6.44
C CME A 132 2.75 3.39 5.28
O CME A 132 3.50 2.65 5.92
H CME A 132 0.83 4.38 6.70
HA CME A 132 1.09 4.60 5.38
HB2 CME A 132 1.93 6.19 6.96
HB3 CME A 132 3.20 5.31 7.22
HE2 CME A 132 6.09 5.19 7.38
HE3 CME A 132 7.07 4.63 6.27
HZ2 CME A 132 7.72 6.59 7.51
HZ3 CME A 132 8.00 6.53 5.94
HH CME A 132 7.10 8.43 6.55
N VAL A 133 2.74 3.49 3.95
N VAL A 133 2.70 3.42 3.95
CA VAL A 133 3.72 2.84 3.08
CA VAL A 133 3.76 2.85 3.14
C VAL A 133 4.22 3.91 2.14
C VAL A 133 4.23 3.91 2.16
N ALA A 134 5.54 4.03 2.00
CA ALA A 134 6.14 4.98 1.12
C ALA A 134 7.19 4.31 0.28
N PHE A 135 7.21 4.73 -0.98
CA PHE A 135 7.82 3.92 -2.01
C PHE A 135 8.70 4.91 -2.58
N CYS B 4 0.84 -1.15 -15.34
CA CYS B 4 0.01 -0.16 -14.67
C CYS B 4 0.56 -0.03 -13.30
N GLY B 5 -0.25 0.42 -12.37
CA GLY B 5 0.32 0.97 -11.19
C GLY B 5 0.10 0.04 -10.01
N LEU B 6 0.35 0.60 -8.83
CA LEU B 6 0.22 -0.08 -7.58
C LEU B 6 -1.20 -0.68 -7.45
N VAL B 7 -1.29 -1.91 -6.94
CA VAL B 7 -2.53 -2.55 -6.55
C VAL B 7 -2.47 -2.92 -5.12
N ALA B 8 -3.44 -2.61 -4.30
CA ALA B 8 -3.40 -3.00 -2.92
C ALA B 8 -4.67 -3.66 -2.52
N SER B 9 -4.62 -4.76 -1.80
N SER B 9 -4.65 -4.70 -1.73
CA SER B 9 -5.77 -5.45 -1.28
CA SER B 9 -5.79 -5.39 -1.26
C SER B 9 -5.70 -5.55 0.24
C SER B 9 -5.68 -5.61 0.24
N ASN B 10 -6.78 -6.00 0.86
CA ASN B 10 -6.91 -6.07 2.31
C ASN B 10 -6.72 -4.71 2.95
N LEU B 11 -7.24 -3.65 2.34
N LEU B 11 -7.18 -3.64 2.32
CA LEU B 11 -7.08 -2.28 2.86
CA LEU B 11 -7.00 -2.27 2.87
C LEU B 11 -7.78 -2.12 4.20
C LEU B 11 -7.79 -2.10 4.17
N ASN B 12 -8.92 -2.80 4.32
CA ASN B 12 -9.77 -2.69 5.52
C ASN B 12 -10.11 -1.27 5.89
N LEU B 13 -10.42 -0.44 4.89
CA LEU B 13 -10.81 0.95 5.14
C LEU B 13 -12.28 0.95 5.55
N LYS B 14 -12.58 1.56 6.69
CA LYS B 14 -13.95 1.59 7.23
C LYS B 14 -14.54 2.98 7.14
N PRO B 15 -15.86 3.12 7.31
CA PRO B 15 -16.50 4.43 7.20
C PRO B 15 -15.89 5.42 8.09
N GLY B 16 -15.65 6.61 7.53
CA GLY B 16 -15.11 7.72 8.30
C GLY B 16 -13.59 7.75 8.31
N GLU B 17 -12.93 6.64 7.98
CA GLU B 17 -11.47 6.59 8.00
C GLU B 17 -10.91 7.26 6.76
N CME B 18 -9.74 7.87 6.79
CA CME B 18 -9.17 8.60 5.68
CB CME B 18 -8.64 9.92 6.12
SG CME B 18 -8.22 11.08 4.83
SD CME B 18 -9.93 11.63 4.03
CE CME B 18 -10.35 13.05 4.93
CZ CME B 18 -9.43 14.23 4.88
OH CME B 18 -9.81 15.35 5.62
C CME B 18 -8.08 7.85 4.99
O CME B 18 -7.08 7.45 5.65
H CME B 18 -9.17 7.89 7.51
HA CME B 18 -9.88 8.76 5.03
HB2 CME B 18 -7.83 9.75 6.65
HB3 CME B 18 -9.30 10.34 6.70
HE2 CME B 18 -10.39 12.78 5.86
HE3 CME B 18 -11.24 13.33 4.66
HZ2 CME B 18 -9.33 14.50 3.95
HZ3 CME B 18 -8.57 13.95 5.22
HH CME B 18 -9.17 15.97 5.58
N LEU B 19 -8.20 7.70 3.68
CA LEU B 19 -7.14 7.20 2.86
C LEU B 19 -6.48 8.33 2.11
N ARG B 20 -5.17 8.52 2.29
CA ARG B 20 -4.42 9.57 1.67
C ARG B 20 -3.45 8.96 0.70
N VAL B 21 -3.53 9.41 -0.57
CA VAL B 21 -2.70 8.88 -1.62
C VAL B 21 -1.93 10.04 -2.22
N ARG B 22 -0.62 10.01 -2.13
N ARG B 22 -0.63 9.95 -2.19
N ARG B 22 -0.63 9.96 -2.17
CA ARG B 22 0.23 10.97 -2.77
CA ARG B 22 0.27 10.95 -2.70
CA ARG B 22 0.28 10.97 -2.66
C ARG B 22 1.00 10.34 -3.91
C ARG B 22 1.05 10.38 -3.87
C ARG B 22 1.07 10.39 -3.85
N GLY B 23 1.16 11.11 -4.96
CA GLY B 23 1.89 10.62 -6.09
C GLY B 23 2.35 11.74 -7.00
N GLU B 24 2.99 11.29 -8.08
CA GLU B 24 3.52 12.10 -9.14
C GLU B 24 2.70 12.05 -10.37
N VAL B 25 2.16 13.21 -10.78
CA VAL B 25 1.45 13.31 -12.04
C VAL B 25 2.53 13.48 -13.14
N ALA B 26 2.52 12.57 -14.10
CA ALA B 26 3.53 12.57 -15.15
C ALA B 26 3.58 13.89 -15.93
N PRO B 27 4.76 14.29 -16.43
CA PRO B 27 4.94 15.56 -17.18
C PRO B 27 4.17 15.67 -18.47
N ASP B 28 3.59 14.58 -18.71
N ASP B 28 3.97 14.51 -19.09
CA ASP B 28 3.32 14.01 -19.93
CA ASP B 28 3.10 14.38 -20.26
C ASP B 28 1.80 13.63 -19.92
C ASP B 28 1.65 13.82 -20.03
N ALA B 29 1.15 13.89 -18.78
CA ALA B 29 -0.03 13.23 -18.41
C ALA B 29 -1.20 13.54 -19.36
N LYS B 30 -1.93 12.47 -19.66
CA LYS B 30 -3.20 12.55 -20.36
C LYS B 30 -4.39 12.14 -19.52
N SER B 31 -4.14 11.22 -18.62
CA SER B 31 -5.21 10.61 -17.82
C SER B 31 -4.59 9.82 -16.69
N PHE B 32 -5.20 9.79 -15.53
CA PHE B 32 -4.81 8.80 -14.52
C PHE B 32 -6.03 8.33 -13.79
N VAL B 33 -5.88 7.22 -13.12
CA VAL B 33 -6.96 6.53 -12.47
C VAL B 33 -6.59 6.08 -11.07
N LEU B 34 -7.50 6.28 -10.13
N LEU B 34 -7.52 6.25 -10.14
CA LEU B 34 -7.53 5.54 -8.84
CA LEU B 34 -7.52 5.56 -8.86
C LEU B 34 -8.83 4.79 -8.80
C LEU B 34 -8.83 4.80 -8.72
N ASN B 35 -8.75 3.49 -8.59
CA ASN B 35 -9.89 2.63 -8.43
C ASN B 35 -9.98 2.17 -6.97
N LEU B 36 -11.13 2.27 -6.37
N LEU B 36 -11.14 2.26 -6.36
CA LEU B 36 -11.42 1.79 -5.02
CA LEU B 36 -11.39 1.79 -5.01
C LEU B 36 -12.63 0.93 -4.98
C LEU B 36 -12.60 0.91 -5.01
N GLY B 37 -12.60 -0.12 -4.19
CA GLY B 37 -13.74 -0.91 -4.00
C GLY B 37 -13.53 -2.17 -3.20
N LYS B 38 -14.28 -3.19 -3.51
CA LYS B 38 -14.19 -4.52 -2.91
CA LYS B 38 -14.17 -4.50 -2.91
C LYS B 38 -13.07 -5.30 -3.57
N ASP B 39 -13.01 -5.21 -4.90
CA ASP B 39 -12.09 -5.97 -5.72
C ASP B 39 -12.15 -5.32 -7.12
N SER B 40 -11.42 -5.85 -8.07
CA SER B 40 -11.29 -5.21 -9.34
C SER B 40 -12.60 -5.15 -10.16
N ASN B 41 -13.58 -5.98 -9.82
CA ASN B 41 -14.87 -6.05 -10.51
C ASN B 41 -15.99 -5.28 -9.82
N ASN B 42 -15.67 -4.76 -8.64
CA ASN B 42 -16.66 -4.12 -7.79
C ASN B 42 -16.05 -2.88 -7.19
N LEU B 43 -16.19 -1.80 -7.95
CA LEU B 43 -15.58 -0.54 -7.63
C LEU B 43 -16.63 0.45 -7.17
N CYS B 44 -16.50 0.93 -5.96
CA CYS B 44 -17.31 2.06 -5.53
C CYS B 44 -16.83 3.35 -6.10
N LEU B 45 -15.57 3.45 -6.47
CA LEU B 45 -15.06 4.63 -7.11
C LEU B 45 -13.99 4.35 -8.14
N HIS B 46 -14.30 4.65 -9.38
CA HIS B 46 -13.34 4.79 -10.45
C HIS B 46 -13.16 6.28 -10.60
N PHE B 47 -12.01 6.79 -10.18
CA PHE B 47 -11.69 8.19 -10.13
C PHE B 47 -10.71 8.49 -11.24
N ASN B 48 -11.16 9.23 -12.27
CA ASN B 48 -10.38 9.37 -13.48
C ASN B 48 -10.23 10.83 -13.97
N PRO B 49 -9.27 11.54 -13.41
CA PRO B 49 -8.91 12.84 -13.99
C PRO B 49 -8.39 12.67 -15.40
N ARG B 50 -8.96 13.42 -16.34
CA ARG B 50 -8.58 13.39 -17.73
C ARG B 50 -8.09 14.78 -18.12
N PHE B 51 -6.80 14.89 -18.41
CA PHE B 51 -6.24 16.07 -18.93
C PHE B 51 -6.67 16.24 -20.38
N ASN B 52 -6.49 15.17 -21.14
CA ASN B 52 -6.92 15.12 -22.51
C ASN B 52 -7.01 13.67 -22.92
N ALA B 53 -8.22 13.10 -22.80
CA ALA B 53 -8.40 11.69 -22.99
C ALA B 53 -9.86 11.29 -23.09
N HIS B 54 -10.16 10.32 -23.92
CA HIS B 54 -11.45 9.67 -24.02
C HIS B 54 -12.56 10.67 -24.23
N GLY B 55 -12.27 11.73 -24.97
CA GLY B 55 -13.30 12.69 -25.31
C GLY B 55 -13.40 13.89 -24.36
N ASP B 56 -12.61 13.92 -23.30
CA ASP B 56 -12.69 14.94 -22.24
C ASP B 56 -11.36 15.73 -22.16
N ALA B 57 -11.47 17.02 -21.82
CA ALA B 57 -10.32 17.87 -21.52
C ALA B 57 -10.52 18.44 -20.11
N ASN B 58 -9.47 18.37 -19.27
CA ASN B 58 -9.50 18.91 -17.93
C ASN B 58 -10.78 18.62 -17.17
N THR B 59 -11.16 17.37 -17.11
CA THR B 59 -12.37 16.91 -16.46
C THR B 59 -12.11 15.67 -15.67
N ILE B 60 -12.68 15.63 -14.44
CA ILE B 60 -12.67 14.39 -13.66
C ILE B 60 -13.94 13.63 -13.99
N VAL B 61 -13.72 12.39 -14.45
CA VAL B 61 -14.80 11.43 -14.65
C VAL B 61 -14.79 10.45 -13.51
N CYS B 62 -15.94 10.26 -12.91
CA CYS B 62 -16.14 9.21 -11.90
C CYS B 62 -17.15 8.19 -12.32
N ASN B 63 -16.93 6.95 -11.94
CA ASN B 63 -17.91 5.93 -12.20
C ASN B 63 -17.80 4.85 -11.14
N SER B 64 -18.71 3.90 -11.16
CA SER B 64 -18.70 2.70 -10.40
C SER B 64 -18.64 1.48 -11.32
N LYS B 65 -18.35 0.32 -10.76
CA LYS B 65 -18.41 -0.92 -11.49
C LYS B 65 -19.01 -1.96 -10.56
N ASP B 66 -20.08 -2.63 -10.99
CA ASP B 66 -20.81 -3.52 -10.12
C ASP B 66 -20.84 -4.91 -10.80
N GLY B 67 -20.16 -5.90 -10.24
CA GLY B 67 -20.07 -7.20 -10.86
C GLY B 67 -19.61 -7.13 -12.27
N GLY B 68 -18.62 -6.32 -12.54
CA GLY B 68 -18.00 -6.22 -13.87
C GLY B 68 -18.66 -5.23 -14.80
N ALA B 69 -19.79 -4.68 -14.41
CA ALA B 69 -20.53 -3.77 -15.31
C ALA B 69 -20.34 -2.31 -14.91
N TRP B 70 -19.85 -1.48 -15.81
CA TRP B 70 -19.73 -0.06 -15.55
C TRP B 70 -21.07 0.57 -15.26
N GLY B 71 -21.09 1.49 -14.30
CA GLY B 71 -22.22 2.31 -14.03
C GLY B 71 -22.31 3.51 -14.96
N THR B 72 -23.11 4.50 -14.55
CA THR B 72 -23.26 5.77 -15.28
C THR B 72 -22.20 6.78 -14.83
N GLU B 73 -21.48 7.36 -15.75
CA GLU B 73 -20.46 8.37 -15.45
C GLU B 73 -21.04 9.62 -14.82
N GLN B 74 -20.30 10.20 -13.90
CA GLN B 74 -20.49 11.53 -13.37
C GLN B 74 -19.29 12.37 -13.67
N ARG B 75 -19.49 13.58 -14.20
CA ARG B 75 -18.42 14.50 -14.41
C ARG B 75 -18.43 15.61 -13.41
N GLU B 76 -17.25 15.93 -12.88
CA GLU B 76 -17.14 16.95 -11.86
C GLU B 76 -16.94 18.30 -12.47
N ALA B 77 -16.97 19.31 -11.60
CA ALA B 77 -16.99 20.69 -12.02
C ALA B 77 -15.63 21.32 -11.89
N VAL B 78 -14.68 20.64 -11.24
CA VAL B 78 -13.41 21.24 -10.88
C VAL B 78 -12.26 20.34 -11.34
N PHE B 79 -11.06 20.95 -11.53
CA PHE B 79 -9.93 20.17 -12.03
C PHE B 79 -8.62 20.78 -11.52
N PRO B 80 -8.26 20.49 -10.25
CA PRO B 80 -7.07 21.10 -9.64
C PRO B 80 -5.86 20.20 -9.82
N PHE B 81 -5.60 19.75 -11.03
CA PHE B 81 -4.41 18.98 -11.35
C PHE B 81 -3.61 19.62 -12.47
N GLN B 82 -2.31 19.41 -12.42
CA GLN B 82 -1.40 19.88 -13.43
C GLN B 82 -0.45 18.73 -13.80
N PRO B 83 -0.11 18.58 -15.07
CA PRO B 83 0.95 17.63 -15.44
C PRO B 83 2.28 18.00 -14.79
N GLY B 84 3.11 17.02 -14.45
CA GLY B 84 4.42 17.29 -13.88
C GLY B 84 4.40 17.93 -12.50
N SER B 85 3.59 17.40 -11.63
CA SER B 85 3.46 17.92 -10.30
C SER B 85 3.22 16.78 -9.36
N VAL B 86 3.27 17.08 -8.07
CA VAL B 86 2.90 16.19 -7.03
C VAL B 86 1.48 16.50 -6.65
N ALA B 87 0.72 15.48 -6.31
CA ALA B 87 -0.65 15.69 -5.92
C ALA B 87 -1.06 14.65 -4.91
N GLU B 88 -1.91 15.08 -3.99
CA GLU B 88 -2.49 14.28 -2.96
C GLU B 88 -3.98 14.22 -3.14
N VAL B 89 -4.56 13.05 -3.01
CA VAL B 89 -6.01 12.87 -2.98
C VAL B 89 -6.35 12.17 -1.71
N CME B 90 -7.40 12.58 -1.02
CA CME B 90 -7.83 12.03 0.22
CB CME B 90 -7.71 13.03 1.37
SG CME B 90 -6.08 13.77 1.58
SD CME B 90 -6.56 15.84 1.82
CE CME B 90 -6.51 16.59 0.21
CZ CME B 90 -5.20 17.15 -0.17
OH CME B 90 -4.95 17.31 -1.52
C CME B 90 -9.21 11.53 0.14
O CME B 90 -10.11 12.30 -0.32
H CME B 90 -7.96 13.26 -1.27
HA CME B 90 -7.25 11.28 0.43
HB2 CME B 90 -8.34 13.74 1.21
HB3 CME B 90 -7.95 12.58 2.20
HE2 CME B 90 -7.19 17.29 0.16
HE3 CME B 90 -6.73 15.90 -0.45
HZ2 CME B 90 -5.11 18.01 0.25
HZ3 CME B 90 -4.51 16.56 0.18
HH CME B 90 -4.16 17.69 -1.64
N ILE B 91 -9.49 10.35 0.51
CA ILE B 91 -10.81 9.76 0.32
C ILE B 91 -11.35 9.19 1.63
N THR B 92 -12.61 9.49 1.90
CA THR B 92 -13.35 8.86 2.94
C THR B 92 -14.70 8.42 2.39
N PHE B 93 -15.42 7.60 3.12
CA PHE B 93 -16.73 7.19 2.69
C PHE B 93 -17.64 6.91 3.85
N ASP B 94 -18.92 6.79 3.56
CA ASP B 94 -19.93 6.34 4.48
C ASP B 94 -21.00 5.65 3.70
N GLN B 95 -22.12 5.48 4.43
CA GLN B 95 -23.30 4.79 3.88
CA GLN B 95 -23.37 4.86 3.97
C GLN B 95 -23.75 5.32 2.54
N ALA B 96 -23.75 6.63 2.41
CA ALA B 96 -24.37 7.27 1.31
C ALA B 96 -23.35 7.67 0.22
N ASN B 97 -22.17 8.11 0.61
CA ASN B 97 -21.27 8.81 -0.33
C ASN B 97 -19.82 8.52 -0.05
N LEU B 98 -19.02 8.59 -1.09
CA LEU B 98 -17.57 8.84 -0.95
C LEU B 98 -17.37 10.32 -1.00
N THR B 99 -16.45 10.81 -0.21
CA THR B 99 -16.01 12.18 -0.25
C THR B 99 -14.55 12.16 -0.71
N VAL B 100 -14.28 12.90 -1.77
CA VAL B 100 -12.97 13.02 -2.37
C VAL B 100 -12.45 14.41 -2.20
N LYS B 101 -11.37 14.55 -1.45
CA LYS B 101 -10.68 15.79 -1.26
C LYS B 101 -9.47 15.85 -2.14
N LEU B 102 -9.34 16.97 -2.82
CA LEU B 102 -8.43 17.17 -3.91
C LEU B 102 -7.46 18.29 -3.54
N PRO B 103 -6.41 18.56 -4.31
CA PRO B 103 -5.54 19.70 -4.09
C PRO B 103 -6.31 21.01 -4.09
N ASP B 104 -5.73 21.99 -3.39
CA ASP B 104 -6.18 23.40 -3.48
C ASP B 104 -7.54 23.59 -2.87
N GLY B 105 -7.92 22.71 -1.98
CA GLY B 105 -9.12 22.90 -1.19
C GLY B 105 -10.38 22.44 -1.82
N TYR B 106 -10.32 21.77 -2.98
CA TYR B 106 -11.51 21.28 -3.68
C TYR B 106 -11.96 19.95 -3.11
N GLU B 107 -13.24 19.67 -3.19
CA GLU B 107 -13.78 18.39 -2.79
C GLU B 107 -15.07 18.12 -3.51
N PHE B 108 -15.42 16.89 -3.62
CA PHE B 108 -16.73 16.49 -4.14
C PHE B 108 -17.19 15.18 -3.52
N LYS B 109 -18.46 14.85 -3.71
CA LYS B 109 -19.06 13.64 -3.28
C LYS B 109 -19.48 12.82 -4.47
N PHE B 110 -19.40 11.50 -4.33
CA PHE B 110 -19.85 10.55 -5.33
C PHE B 110 -20.67 9.52 -4.58
N PRO B 111 -21.90 9.21 -5.06
CA PRO B 111 -22.73 8.30 -4.30
C PRO B 111 -22.08 6.93 -4.15
N ASN B 112 -22.28 6.29 -3.00
CA ASN B 112 -21.80 4.95 -2.76
C ASN B 112 -22.87 3.97 -3.31
N ARG B 113 -22.80 3.71 -4.60
CA ARG B 113 -23.79 2.96 -5.34
C ARG B 113 -23.85 1.50 -4.95
N LEU B 114 -22.73 0.97 -4.50
N LEU B 114 -22.73 0.95 -4.51
CA LEU B 114 -22.63 -0.43 -4.11
CA LEU B 114 -22.67 -0.43 -4.12
C LEU B 114 -22.97 -0.65 -2.64
C LEU B 114 -23.01 -0.65 -2.66
N ASN B 115 -23.23 0.45 -1.93
CA ASN B 115 -23.48 0.41 -0.50
C ASN B 115 -22.39 -0.31 0.25
N LEU B 116 -21.15 -0.10 -0.14
CA LEU B 116 -20.06 -0.78 0.56
C LEU B 116 -19.90 -0.24 1.97
N GLU B 117 -19.59 -1.15 2.89
N GLU B 117 -19.66 -1.14 2.90
CA GLU B 117 -19.35 -0.82 4.29
CA GLU B 117 -19.36 -0.84 4.30
C GLU B 117 -17.85 -0.96 4.61
C GLU B 117 -17.85 -0.96 4.59
N ALA B 118 -17.08 -1.39 3.62
CA ALA B 118 -15.60 -1.47 3.73
C ALA B 118 -15.00 -1.29 2.35
N ILE B 119 -13.85 -0.68 2.27
CA ILE B 119 -13.09 -0.60 1.03
C ILE B 119 -11.84 -1.46 1.25
N ASN B 120 -11.69 -2.50 0.46
CA ASN B 120 -10.61 -3.45 0.55
C ASN B 120 -9.60 -3.41 -0.55
N TYR B 121 -9.89 -2.71 -1.66
CA TYR B 121 -9.11 -2.74 -2.85
C TYR B 121 -8.83 -1.35 -3.34
N MET B 122 -7.61 -1.09 -3.79
CA MET B 122 -7.23 0.10 -4.48
C MET B 122 -6.30 -0.19 -5.61
N ALA B 123 -6.40 0.43 -6.73
CA ALA B 123 -5.46 0.26 -7.81
C ALA B 123 -5.21 1.60 -8.51
N ALA B 124 -3.99 1.91 -8.89
CA ALA B 124 -3.66 3.06 -9.69
C ALA B 124 -3.38 2.67 -11.09
N ASP B 125 -3.69 3.51 -12.03
CA ASP B 125 -3.36 3.31 -13.41
C ASP B 125 -3.13 4.63 -14.08
N GLY B 126 -2.43 4.61 -15.20
CA GLY B 126 -2.23 5.84 -15.94
C GLY B 126 -1.06 6.69 -15.46
N ASP B 127 -1.17 7.99 -15.68
CA ASP B 127 -0.08 8.93 -15.57
C ASP B 127 0.12 9.50 -14.16
N PHE B 128 0.06 8.61 -13.17
CA PHE B 128 0.16 8.93 -11.75
C PHE B 128 0.92 7.80 -11.02
N LYS B 129 2.05 8.15 -10.49
CA LYS B 129 2.91 7.16 -9.80
C LYS B 129 2.73 7.35 -8.32
N ILE B 130 2.16 6.33 -7.63
CA ILE B 130 1.98 6.45 -6.19
C ILE B 130 3.30 6.43 -5.46
N LYS B 131 3.50 7.41 -4.57
CA LYS B 131 4.68 7.55 -3.74
C LYS B 131 4.45 7.29 -2.27
N CME B 132 3.24 7.48 -1.75
CA CME B 132 2.87 7.24 -0.40
CB CME B 132 3.29 8.40 0.49
SG CME B 132 3.09 8.27 2.22
SD CME B 132 1.20 8.56 2.66
CE CME B 132 0.09 9.72 1.85
CZ CME B 132 -0.20 10.91 2.73
OH CME B 132 -0.86 12.00 2.24
C CME B 132 1.39 6.98 -0.26
O CME B 132 0.58 7.64 -0.91
H CME B 132 3.81 7.18 -1.11
HA CME B 132 3.35 6.45 -0.09
HB2 CME B 132 2.80 9.18 0.20
HB3 CME B 132 4.23 8.57 0.32
HE2 CME B 132 -0.75 9.26 1.64
HE3 CME B 132 0.50 10.03 1.02
HZ2 CME B 132 -0.71 10.58 3.49
HZ3 CME B 132 0.65 11.21 3.08
HH CME B 132 -0.99 12.59 2.90
N VAL B 133 1.06 6.02 0.58
N VAL B 133 1.01 5.98 0.54
CA VAL B 133 -0.29 5.72 0.97
CA VAL B 133 -0.35 5.77 0.93
C VAL B 133 -0.38 5.72 2.49
C VAL B 133 -0.34 5.77 2.45
N ALA B 134 -1.30 6.46 3.05
CA ALA B 134 -1.46 6.55 4.45
C ALA B 134 -2.88 6.29 4.85
N PHE B 135 -3.04 5.73 6.05
CA PHE B 135 -4.35 5.48 6.66
C PHE B 135 -4.50 6.26 7.93
N ASP B 136 -5.43 7.19 7.95
CA ASP B 136 -6.05 7.72 9.19
C ASP B 136 -7.58 7.43 9.18
C8 TVS C . 14.62 -22.29 16.16
C7 TVS C . 14.11 -22.80 14.79
O7 TVS C . 14.93 -22.99 13.89
N2 TVS C . 12.79 -22.64 14.57
C2 TVS C . 11.97 -23.01 13.39
C3 TVS C . 10.69 -22.09 13.25
O3 TVS C . 11.17 -20.79 13.00
C1 TVS C . 11.51 -24.44 13.49
O1 TVS C . 12.65 -25.24 13.92
CAK TVS C . 12.52 -26.59 14.40
CAB TVS C . 12.81 -26.55 15.94
CAA TVS C . 14.26 -26.63 16.51
O5 TVS C . 10.69 -24.84 12.38
C5 TVS C . 9.49 -24.01 12.26
C6 TVS C . 8.39 -24.41 11.35
O6 TVS C . 9.02 -24.50 10.07
C4 TVS C . 9.90 -22.54 12.03
O4 TVS C . 8.71 -21.72 11.91
H81 TVS C . 14.23 -23.27 16.44
H82 TVS C . 15.46 -22.01 15.53
H83 TVS C . 15.44 -22.62 16.80
HN2 TVS C . 12.26 -22.39 15.38
H2 TVS C . 12.57 -22.90 12.49
H3 TVS C . 10.07 -22.15 14.15
HO3 TVS C . 11.75 -20.50 13.77
H1 TVS C . 12.09 -24.76 12.64
HAK TVS C . 11.51 -26.96 14.24
H64 TVS C . 13.24 -27.25 13.91
HAC TVS C . 11.99 -26.46 16.64
HAA TVS C . 15.09 -26.72 15.80
HAB TVS C . 14.40 -26.59 17.58
H5 TVS C . 9.07 -24.04 13.27
H61 TVS C . 7.65 -23.68 11.17
H62 TVS C . 8.03 -25.40 11.46
HO6 TVS C . 8.33 -24.76 9.38
H4 TVS C . 10.52 -22.46 11.14
C1 TVV C . 8.53 -21.15 10.62
C2 TVV C . 7.20 -20.43 10.67
O2 TVV C . 6.20 -21.42 10.85
O5 TVV C . 9.57 -20.23 10.28
C5 TVV C . 9.41 -19.64 8.94
C6 TVV C . 10.57 -18.76 8.62
O6 TVV C . 11.74 -19.64 8.58
C4 TVV C . 8.05 -18.88 9.02
O4 TVV C . 8.03 -17.79 9.92
C3 TVV C . 6.95 -19.81 9.35
O3 TVV C . 5.68 -19.13 9.45
CAQ TVV C . 5.19 -18.47 8.26
CAD TVV C . 4.47 -19.34 7.57
CAC TVV C . 3.90 -20.02 7.00
H1 TVV C . 8.49 -21.94 9.88
H2 TVV C . 7.18 -19.69 11.47
HO2 TVV C . 5.30 -20.98 10.89
H5 TVV C . 9.33 -20.43 8.20
H61 TVV C . 10.58 -18.37 7.64
H62 TVV C . 10.86 -18.09 9.38
HO6 TVV C . 12.55 -19.09 8.36
H4 TVV C . 7.85 -18.46 8.04
HO4 TVV C . 8.73 -17.12 9.64
H3 TVV C . 6.88 -20.57 8.59
H65 TVV C . 6.03 -18.13 7.66
HAQ TVV C . 4.56 -17.62 8.53
HAD TVV C . 3.30 -20.72 6.41
C8 TVS D . -17.09 12.16 -23.44
C7 TVS D . -17.56 10.71 -23.36
O7 TVS D . -18.74 10.41 -23.26
N2 TVS D . -16.55 9.85 -23.24
C2 TVS D . -16.64 8.38 -23.12
C3 TVS D . -15.46 7.86 -22.33
O3 TVS D . -15.83 8.28 -20.89
C1 TVS D . -16.68 7.72 -24.47
O1 TVS D . -17.67 8.34 -25.33
CAK TVS D . -17.54 8.17 -26.76
CAB TVS D . -16.43 9.14 -27.22
CAA TVS D . -16.57 10.70 -27.14
O5 TVS D . -16.75 6.29 -24.38
C5 TVS D . -15.60 5.80 -23.69
C6 TVS D . -15.63 4.28 -23.64
O6 TVS D . -16.85 3.82 -23.04
C4 TVS D . -15.53 6.36 -22.28
O4 TVS D . -14.38 5.88 -21.60
H81 TVS D . -16.19 12.20 -22.89
H82 TVS D . -17.87 12.74 -23.01
H83 TVS D . -16.95 12.35 -24.48
HN2 TVS D . -15.62 10.23 -23.30
H2 TVS D . -17.56 8.13 -22.58
H3 TVS D . -14.50 8.23 -22.71
HO3 TVS D . -15.92 9.27 -20.85
H1 TVS D . -17.68 7.35 -24.28
HAK TVS D . -17.25 7.14 -27.00
H64 TVS D . -18.48 8.41 -27.25
HAC TVS D . -15.50 8.73 -27.62
HAA TVS D . -17.50 11.10 -26.74
HAB TVS D . -15.74 11.31 -27.48
H5 TVS D . -14.72 6.12 -24.24
H61 TVS D . -15.56 3.89 -24.65
H62 TVS D . -14.79 3.93 -23.05
HO6 TVS D . -16.86 2.82 -23.02
H4 TVS D . -16.43 6.06 -21.72
C1 TVV D . -14.23 4.91 -20.62
C2 TVV D . -12.79 4.66 -20.47
O2 TVV D . -12.41 3.88 -21.72
O5 TVV D . -14.81 5.42 -19.41
C5 TVV D . -14.68 4.44 -18.34
C6 TVV D . -15.40 5.05 -17.15
O6 TVV D . -16.80 5.19 -17.41
C4 TVV D . -13.22 4.17 -18.08
O4 TVV D . -12.56 5.36 -17.68
C3 TVV D . -12.60 3.64 -19.37
O3 TVV D . -11.20 3.41 -19.16
CAQ TVV D . -10.79 2.47 -18.19
CAD TVV D . -11.19 1.16 -18.62
CAC TVV D . -11.51 0.08 -19.00
H1 TVV D . -14.74 3.99 -20.93
H2 TVV D . -12.22 5.58 -20.31
HO2 TVV D . -11.44 3.67 -21.69
H5 TVV D . -15.18 3.51 -18.64
H61 TVV D . -14.97 6.04 -16.94
H62 TVV D . -15.26 4.41 -16.28
HO6 TVV D . -17.19 4.29 -17.59
H4 TVV D . -13.13 3.42 -17.30
HO4 TVV D . -12.99 5.70 -16.85
H3 TVV D . -13.08 2.71 -19.66
H65 TVV D . -11.26 2.71 -17.24
HAQ TVV D . -9.71 2.51 -18.08
HAD TVV D . -11.80 -0.91 -19.35
S SO4 E . -11.89 -2.85 12.22
O1 SO4 E . -13.17 -3.33 12.71
O2 SO4 E . -11.33 -2.03 13.31
O3 SO4 E . -12.02 -2.09 10.99
O4 SO4 E . -11.07 -4.02 11.94
#